data_2MFP
#
_entry.id   2MFP
#
loop_
_entity.id
_entity.type
_entity.pdbx_description
1 polymer 'EC protein I/II'
2 non-polymer 'CADMIUM ION'
#
_entity_poly.entity_id   1
_entity_poly.type   'polypeptide(L)'
_entity_poly.pdbx_seq_one_letter_code
;AGCDDKCGCAVPCPGGTGCRCTSARSGGAAG
;
_entity_poly.pdbx_strand_id   A
#
loop_
_chem_comp.id
_chem_comp.type
_chem_comp.name
_chem_comp.formula
CD non-polymer 'CADMIUM ION' 'Cd 2'
#
# COMPACT_ATOMS: atom_id res chain seq x y z
N ALA A 1 -0.09 -3.52 5.04
CA ALA A 1 0.33 -2.37 5.82
C ALA A 1 1.81 -2.15 5.57
N GLY A 2 2.56 -3.24 5.64
CA GLY A 2 3.91 -3.23 5.20
C GLY A 2 3.86 -3.29 3.70
N CYS A 3 4.48 -2.39 3.05
CA CYS A 3 4.30 -2.29 1.66
C CYS A 3 5.58 -2.49 0.89
N ASP A 4 5.51 -3.43 0.01
CA ASP A 4 6.60 -3.76 -0.90
C ASP A 4 5.95 -3.98 -2.24
N ASP A 5 6.65 -4.57 -3.20
CA ASP A 5 6.07 -4.79 -4.53
C ASP A 5 5.00 -5.86 -4.47
N LYS A 6 5.08 -6.72 -3.46
CA LYS A 6 4.06 -7.76 -3.28
C LYS A 6 2.79 -7.15 -2.71
N CYS A 7 2.87 -5.91 -2.28
CA CYS A 7 1.71 -5.28 -1.74
C CYS A 7 0.91 -4.64 -2.85
N GLY A 8 1.55 -4.42 -3.99
CA GLY A 8 0.86 -3.78 -5.09
C GLY A 8 0.84 -2.29 -4.90
N CYS A 9 1.64 -1.85 -3.98
CA CYS A 9 1.78 -0.50 -3.66
C CYS A 9 3.06 0.03 -4.30
N ALA A 10 3.33 1.30 -4.08
CA ALA A 10 4.54 1.90 -4.56
C ALA A 10 5.72 1.36 -3.76
N VAL A 11 6.91 1.44 -4.32
CA VAL A 11 8.10 0.90 -3.68
C VAL A 11 9.26 1.91 -3.79
N PRO A 12 9.64 2.61 -2.69
CA PRO A 12 9.00 2.47 -1.38
C PRO A 12 7.64 3.14 -1.39
N CYS A 13 6.80 2.77 -0.48
CA CYS A 13 5.50 3.31 -0.49
C CYS A 13 5.47 4.60 0.35
N PRO A 14 4.99 5.71 -0.24
CA PRO A 14 5.05 7.05 0.38
C PRO A 14 3.90 7.34 1.35
N GLY A 15 3.17 6.31 1.74
CA GLY A 15 2.10 6.47 2.72
C GLY A 15 0.80 7.06 2.17
N GLY A 16 0.90 8.09 1.36
CA GLY A 16 -0.29 8.76 0.86
C GLY A 16 -0.72 8.30 -0.52
N THR A 17 -0.37 9.08 -1.54
CA THR A 17 -0.81 8.87 -2.92
C THR A 17 -0.38 7.50 -3.46
N GLY A 18 0.80 7.08 -3.10
CA GLY A 18 1.29 5.80 -3.58
C GLY A 18 0.79 4.65 -2.74
N CYS A 19 -0.06 4.93 -1.78
CA CYS A 19 -0.52 3.89 -0.95
C CYS A 19 -1.87 3.39 -1.41
N ARG A 20 -1.86 2.55 -2.40
CA ARG A 20 -3.06 1.89 -2.77
C ARG A 20 -3.23 0.67 -1.91
N CYS A 21 -3.56 0.94 -0.70
CA CYS A 21 -3.97 -0.08 0.24
C CYS A 21 -5.45 0.11 0.50
N THR A 22 -5.98 1.11 -0.16
CA THR A 22 -7.35 1.47 -0.09
C THR A 22 -7.84 1.64 -1.52
N SER A 23 -9.05 1.13 -1.82
CA SER A 23 -9.60 1.13 -3.19
C SER A 23 -8.64 0.35 -4.10
N ALA A 24 -7.95 -0.60 -3.51
CA ALA A 24 -6.88 -1.27 -4.15
C ALA A 24 -7.34 -2.49 -4.90
N ARG A 25 -6.92 -2.57 -6.13
CA ARG A 25 -7.13 -3.73 -6.94
C ARG A 25 -5.83 -4.52 -6.95
N SER A 26 -4.74 -3.83 -6.73
CA SER A 26 -3.44 -4.43 -6.70
C SER A 26 -3.25 -5.26 -5.42
N GLY A 27 -3.41 -4.64 -4.28
CA GLY A 27 -3.26 -5.34 -3.04
C GLY A 27 -3.34 -4.41 -1.86
N GLY A 28 -4.01 -4.84 -0.84
CA GLY A 28 -4.14 -4.04 0.34
C GLY A 28 -4.30 -4.88 1.58
N ALA A 29 -4.96 -6.03 1.43
CA ALA A 29 -5.18 -6.98 2.51
C ALA A 29 -3.88 -7.40 3.16
N ALA A 30 -3.71 -6.95 4.42
CA ALA A 30 -2.50 -7.20 5.24
C ALA A 30 -1.27 -6.54 4.63
N GLY A 31 -1.50 -5.55 3.79
CA GLY A 31 -0.44 -4.90 3.10
C GLY A 31 -0.05 -3.56 3.70
CD CD B . 1.08 1.20 0.72
CD CD C . 0.25 -1.39 0.88
N ALA A 1 3.39 -2.83 8.43
CA ALA A 1 2.66 -1.60 8.23
C ALA A 1 3.13 -0.92 6.94
N GLY A 2 4.32 -1.29 6.51
CA GLY A 2 4.84 -0.81 5.29
C GLY A 2 4.55 -1.77 4.16
N CYS A 3 4.44 -1.26 2.96
CA CYS A 3 4.12 -2.09 1.83
C CYS A 3 5.37 -2.21 0.93
N ASP A 4 5.35 -3.18 0.05
CA ASP A 4 6.47 -3.41 -0.87
C ASP A 4 5.86 -3.74 -2.26
N ASP A 5 6.69 -4.22 -3.20
CA ASP A 5 6.30 -4.53 -4.60
C ASP A 5 5.19 -5.52 -4.67
N LYS A 6 5.20 -6.44 -3.74
CA LYS A 6 4.28 -7.55 -3.75
C LYS A 6 2.88 -7.11 -3.33
N CYS A 7 2.73 -5.85 -2.99
CA CYS A 7 1.44 -5.31 -2.65
C CYS A 7 0.83 -4.59 -3.84
N GLY A 8 1.67 -4.22 -4.79
CA GLY A 8 1.22 -3.48 -5.94
C GLY A 8 1.25 -2.01 -5.66
N CYS A 9 1.62 -1.69 -4.45
CA CYS A 9 1.76 -0.34 -4.02
C CYS A 9 3.11 0.19 -4.46
N ALA A 10 3.36 1.44 -4.15
CA ALA A 10 4.64 2.06 -4.43
C ALA A 10 5.73 1.39 -3.60
N VAL A 11 6.97 1.46 -4.05
CA VAL A 11 8.06 0.77 -3.36
C VAL A 11 9.28 1.71 -3.20
N PRO A 12 9.58 2.16 -1.97
CA PRO A 12 8.82 1.82 -0.77
C PRO A 12 7.52 2.60 -0.78
N CYS A 13 6.54 2.17 -0.04
CA CYS A 13 5.30 2.84 -0.08
C CYS A 13 5.33 4.04 0.89
N PRO A 14 5.03 5.25 0.39
CA PRO A 14 5.21 6.51 1.13
C PRO A 14 4.04 6.86 2.06
N GLY A 15 3.04 6.01 2.10
CA GLY A 15 1.91 6.21 2.99
C GLY A 15 0.83 7.13 2.42
N GLY A 16 1.21 8.03 1.56
CA GLY A 16 0.27 8.97 0.99
C GLY A 16 -0.41 8.47 -0.26
N THR A 17 -0.24 9.20 -1.34
CA THR A 17 -0.84 8.91 -2.62
C THR A 17 -0.33 7.57 -3.19
N GLY A 18 0.90 7.23 -2.83
CA GLY A 18 1.47 5.98 -3.25
C GLY A 18 0.89 4.80 -2.50
N CYS A 19 0.04 5.06 -1.50
CA CYS A 19 -0.55 3.99 -0.81
C CYS A 19 -1.85 3.61 -1.45
N ARG A 20 -1.78 2.80 -2.46
CA ARG A 20 -2.95 2.25 -3.06
C ARG A 20 -3.46 1.09 -2.21
N CYS A 21 -3.94 1.49 -1.07
CA CYS A 21 -4.66 0.68 -0.09
C CYS A 21 -5.85 1.48 0.40
N THR A 22 -6.14 2.55 -0.30
CA THR A 22 -7.24 3.42 0.02
C THR A 22 -8.56 2.77 -0.39
N SER A 23 -8.50 2.02 -1.47
CA SER A 23 -9.63 1.27 -1.94
C SER A 23 -9.13 -0.04 -2.57
N ALA A 24 -7.88 -0.34 -2.34
CA ALA A 24 -7.29 -1.56 -2.84
C ALA A 24 -6.61 -2.28 -1.70
N ARG A 25 -7.37 -3.11 -1.01
CA ARG A 25 -6.85 -3.84 0.11
C ARG A 25 -6.06 -5.05 -0.30
N SER A 26 -4.81 -4.99 0.01
CA SER A 26 -3.89 -6.06 -0.23
C SER A 26 -2.75 -5.88 0.74
N GLY A 27 -2.25 -6.98 1.25
CA GLY A 27 -1.16 -6.92 2.16
C GLY A 27 0.15 -6.85 1.42
N GLY A 28 0.46 -7.92 0.70
CA GLY A 28 1.69 -8.00 -0.04
C GLY A 28 2.87 -8.26 0.88
N ALA A 29 3.15 -7.32 1.72
CA ALA A 29 4.22 -7.42 2.67
C ALA A 29 3.61 -7.43 4.05
N ALA A 30 4.13 -8.26 4.90
CA ALA A 30 3.62 -8.37 6.24
C ALA A 30 4.21 -7.28 7.12
N GLY A 31 3.47 -6.22 7.28
CA GLY A 31 3.89 -5.14 8.11
C GLY A 31 3.05 -3.94 7.84
CD CD B . 0.64 0.96 0.52
CD CD C . -0.46 -1.56 0.13
N ALA A 1 -0.53 -3.15 5.30
CA ALA A 1 0.57 -2.53 6.00
C ALA A 1 1.81 -3.38 5.82
N GLY A 2 2.95 -2.74 5.74
CA GLY A 2 4.15 -3.46 5.44
C GLY A 2 4.23 -3.64 3.96
N CYS A 3 4.03 -2.53 3.27
CA CYS A 3 3.98 -2.50 1.84
C CYS A 3 5.33 -2.91 1.23
N ASP A 4 5.26 -3.54 0.09
CA ASP A 4 6.41 -4.04 -0.63
C ASP A 4 5.98 -4.05 -2.09
N ASP A 5 6.74 -4.67 -2.98
CA ASP A 5 6.38 -4.66 -4.42
C ASP A 5 5.23 -5.60 -4.64
N LYS A 6 5.07 -6.54 -3.72
CA LYS A 6 4.00 -7.52 -3.74
C LYS A 6 2.70 -6.89 -3.27
N CYS A 7 2.79 -5.67 -2.77
CA CYS A 7 1.65 -4.98 -2.24
C CYS A 7 0.93 -4.24 -3.34
N GLY A 8 1.67 -3.95 -4.39
CA GLY A 8 1.08 -3.24 -5.51
C GLY A 8 1.33 -1.79 -5.35
N CYS A 9 1.92 -1.45 -4.22
CA CYS A 9 2.23 -0.11 -3.91
C CYS A 9 3.58 0.26 -4.47
N ALA A 10 3.87 1.54 -4.45
CA ALA A 10 5.13 2.06 -4.89
C ALA A 10 6.20 1.59 -3.93
N VAL A 11 7.41 1.47 -4.38
CA VAL A 11 8.47 1.02 -3.52
C VAL A 11 9.65 1.98 -3.67
N PRO A 12 9.98 2.77 -2.65
CA PRO A 12 9.28 2.77 -1.35
C PRO A 12 7.91 3.43 -1.43
N CYS A 13 6.99 2.98 -0.61
CA CYS A 13 5.67 3.55 -0.60
C CYS A 13 5.66 4.80 0.28
N PRO A 14 5.04 5.91 -0.21
CA PRO A 14 5.01 7.20 0.51
C PRO A 14 3.99 7.24 1.66
N GLY A 15 3.13 6.25 1.72
CA GLY A 15 2.15 6.17 2.78
C GLY A 15 0.87 6.93 2.47
N GLY A 16 1.00 8.09 1.87
CA GLY A 16 -0.15 8.88 1.52
C GLY A 16 -0.61 8.58 0.12
N THR A 17 -0.57 9.56 -0.75
CA THR A 17 -0.95 9.35 -2.11
C THR A 17 0.12 8.52 -2.81
N GLY A 18 -0.27 7.36 -3.20
CA GLY A 18 0.65 6.40 -3.74
C GLY A 18 0.49 5.14 -2.96
N CYS A 19 -0.27 5.24 -1.88
CA CYS A 19 -0.56 4.10 -1.11
C CYS A 19 -1.80 3.43 -1.65
N ARG A 20 -1.60 2.65 -2.67
CA ARG A 20 -2.67 1.87 -3.20
C ARG A 20 -2.90 0.63 -2.36
N CYS A 21 -3.41 0.94 -1.21
CA CYS A 21 -3.96 0.00 -0.27
C CYS A 21 -5.40 0.36 -0.08
N THR A 22 -5.66 1.68 -0.08
CA THR A 22 -6.98 2.20 -0.03
C THR A 22 -7.77 1.72 -1.25
N SER A 23 -8.66 0.77 -0.99
CA SER A 23 -9.52 0.16 -1.98
C SER A 23 -8.69 -0.73 -2.93
N ALA A 24 -7.67 -1.38 -2.38
CA ALA A 24 -6.84 -2.32 -3.16
C ALA A 24 -7.52 -3.69 -3.20
N ARG A 25 -8.49 -3.84 -2.33
CA ARG A 25 -9.32 -5.03 -2.20
C ARG A 25 -10.31 -4.73 -1.09
N SER A 26 -9.80 -4.10 -0.08
CA SER A 26 -10.56 -3.63 1.01
C SER A 26 -10.14 -2.17 1.25
N GLY A 27 -10.66 -1.55 2.27
CA GLY A 27 -10.34 -0.18 2.53
C GLY A 27 -10.10 0.04 4.00
N GLY A 28 -9.85 1.26 4.37
CA GLY A 28 -9.61 1.57 5.75
C GLY A 28 -8.15 1.44 6.08
N ALA A 29 -7.79 0.33 6.64
CA ALA A 29 -6.43 0.03 6.96
C ALA A 29 -6.15 -1.41 6.68
N ALA A 30 -5.30 -1.64 5.72
CA ALA A 30 -4.92 -2.96 5.30
C ALA A 30 -3.67 -2.80 4.50
N GLY A 31 -2.97 -3.90 4.28
CA GLY A 31 -1.81 -3.91 3.42
C GLY A 31 -0.64 -3.15 3.98
CD CD B . 1.17 1.39 0.56
CD CD C . 0.27 -1.23 0.45
N ALA A 1 4.99 -1.59 9.12
CA ALA A 1 6.05 -2.43 8.58
C ALA A 1 6.32 -1.99 7.16
N GLY A 2 5.30 -1.48 6.52
CA GLY A 2 5.44 -0.95 5.24
C GLY A 2 4.74 -1.76 4.21
N CYS A 3 5.05 -1.51 2.99
CA CYS A 3 4.46 -2.18 1.89
C CYS A 3 5.56 -2.59 0.90
N ASP A 4 5.29 -3.60 0.13
CA ASP A 4 6.28 -4.14 -0.80
C ASP A 4 5.70 -4.09 -2.23
N ASP A 5 6.42 -4.65 -3.20
CA ASP A 5 6.00 -4.59 -4.61
C ASP A 5 4.94 -5.62 -4.85
N LYS A 6 4.94 -6.62 -3.99
CA LYS A 6 3.95 -7.69 -4.02
C LYS A 6 2.62 -7.15 -3.49
N CYS A 7 2.69 -5.97 -2.88
CA CYS A 7 1.54 -5.36 -2.30
C CYS A 7 0.79 -4.57 -3.36
N GLY A 8 1.46 -4.27 -4.46
CA GLY A 8 0.81 -3.53 -5.54
C GLY A 8 0.98 -2.05 -5.31
N CYS A 9 1.57 -1.76 -4.18
CA CYS A 9 1.84 -0.46 -3.76
C CYS A 9 3.16 0.00 -4.30
N ALA A 10 3.43 1.26 -4.10
CA ALA A 10 4.69 1.84 -4.45
C ALA A 10 5.76 1.31 -3.51
N VAL A 11 6.98 1.31 -3.95
CA VAL A 11 8.10 0.87 -3.15
C VAL A 11 9.25 1.87 -3.31
N PRO A 12 9.56 2.66 -2.28
CA PRO A 12 8.89 2.63 -0.98
C PRO A 12 7.48 3.22 -1.06
N CYS A 13 6.60 2.75 -0.23
CA CYS A 13 5.28 3.25 -0.25
C CYS A 13 5.25 4.52 0.62
N PRO A 14 4.73 5.62 0.08
CA PRO A 14 4.78 6.93 0.74
C PRO A 14 3.70 7.11 1.80
N GLY A 15 2.62 6.38 1.65
CA GLY A 15 1.53 6.48 2.59
C GLY A 15 0.30 7.11 1.98
N GLY A 16 0.50 8.09 1.11
CA GLY A 16 -0.62 8.77 0.49
C GLY A 16 -1.19 8.03 -0.72
N THR A 17 -1.14 8.65 -1.87
CA THR A 17 -1.68 8.09 -3.11
C THR A 17 -0.94 6.82 -3.54
N GLY A 18 0.30 6.71 -3.10
CA GLY A 18 1.07 5.54 -3.37
C GLY A 18 0.60 4.37 -2.55
N CYS A 19 -0.28 4.62 -1.58
CA CYS A 19 -0.76 3.57 -0.81
C CYS A 19 -2.00 2.99 -1.41
N ARG A 20 -1.80 1.98 -2.22
CA ARG A 20 -2.88 1.24 -2.77
C ARG A 20 -3.32 0.19 -1.73
N CYS A 21 -3.83 0.73 -0.67
CA CYS A 21 -4.45 0.05 0.46
C CYS A 21 -5.55 0.97 0.98
N THR A 22 -6.03 1.82 0.08
CA THR A 22 -6.97 2.86 0.43
C THR A 22 -8.30 2.67 -0.28
N SER A 23 -8.25 2.62 -1.59
CA SER A 23 -9.44 2.53 -2.42
C SER A 23 -9.98 1.09 -2.44
N ALA A 24 -9.10 0.13 -2.32
CA ALA A 24 -9.49 -1.26 -2.32
C ALA A 24 -9.26 -1.85 -0.95
N ARG A 25 -9.82 -3.03 -0.71
CA ARG A 25 -9.68 -3.69 0.58
C ARG A 25 -8.34 -4.39 0.65
N SER A 26 -7.37 -3.71 1.16
CA SER A 26 -6.05 -4.23 1.35
C SER A 26 -5.42 -3.47 2.48
N GLY A 27 -4.65 -4.14 3.29
CA GLY A 27 -3.99 -3.47 4.39
C GLY A 27 -2.53 -3.82 4.45
N GLY A 28 -2.27 -5.08 4.61
CA GLY A 28 -0.91 -5.54 4.70
C GLY A 28 -0.39 -5.36 6.10
N ALA A 29 0.52 -4.43 6.27
CA ALA A 29 1.09 -4.19 7.57
C ALA A 29 1.49 -2.72 7.72
N ALA A 30 0.58 -1.93 8.25
CA ALA A 30 0.82 -0.53 8.47
C ALA A 30 1.84 -0.34 9.59
N GLY A 31 2.98 0.15 9.23
CA GLY A 31 4.05 0.32 10.17
C GLY A 31 5.25 -0.46 9.72
CD CD B . 0.85 0.93 0.73
CD CD C . 0.06 -1.74 0.65
N ALA A 1 0.91 -3.68 6.46
CA ALA A 1 1.57 -2.47 6.95
C ALA A 1 2.79 -2.17 6.09
N GLY A 2 3.56 -3.19 5.85
CA GLY A 2 4.69 -3.08 4.99
C GLY A 2 4.26 -3.37 3.58
N CYS A 3 4.56 -2.49 2.69
CA CYS A 3 4.15 -2.66 1.35
C CYS A 3 5.34 -2.54 0.42
N ASP A 4 5.33 -3.31 -0.62
CA ASP A 4 6.35 -3.27 -1.63
C ASP A 4 5.64 -3.58 -2.97
N ASP A 5 6.36 -4.03 -4.01
CA ASP A 5 5.70 -4.24 -5.34
C ASP A 5 4.73 -5.41 -5.29
N LYS A 6 5.00 -6.35 -4.42
CA LYS A 6 4.16 -7.52 -4.22
C LYS A 6 2.79 -7.15 -3.66
N CYS A 7 2.70 -5.99 -3.02
CA CYS A 7 1.44 -5.56 -2.48
C CYS A 7 0.61 -4.90 -3.56
N GLY A 8 1.26 -4.22 -4.45
CA GLY A 8 0.53 -3.43 -5.38
C GLY A 8 0.39 -2.04 -4.81
N CYS A 9 1.47 -1.57 -4.26
CA CYS A 9 1.58 -0.25 -3.77
C CYS A 9 2.81 0.35 -4.32
N ALA A 10 3.08 1.59 -3.98
CA ALA A 10 4.26 2.27 -4.43
C ALA A 10 5.47 1.59 -3.80
N VAL A 11 6.59 1.70 -4.46
CA VAL A 11 7.81 1.09 -3.99
C VAL A 11 8.91 2.17 -3.91
N PRO A 12 9.30 2.63 -2.71
CA PRO A 12 8.73 2.15 -1.44
C PRO A 12 7.39 2.82 -1.18
N CYS A 13 6.59 2.25 -0.32
CA CYS A 13 5.32 2.83 -0.09
C CYS A 13 5.42 3.94 0.97
N PRO A 14 5.09 5.19 0.59
CA PRO A 14 5.27 6.35 1.45
C PRO A 14 4.04 6.71 2.31
N GLY A 15 2.91 6.18 1.92
CA GLY A 15 1.67 6.54 2.54
C GLY A 15 0.87 7.39 1.58
N GLY A 16 -0.22 7.96 2.04
CA GLY A 16 -1.05 8.83 1.21
C GLY A 16 -1.52 8.16 -0.06
N THR A 17 -1.33 8.86 -1.17
CA THR A 17 -1.71 8.38 -2.49
C THR A 17 -0.85 7.18 -2.90
N GLY A 18 0.38 7.15 -2.41
CA GLY A 18 1.28 6.06 -2.71
C GLY A 18 0.82 4.78 -2.06
N CYS A 19 -0.03 4.91 -1.06
CA CYS A 19 -0.53 3.77 -0.44
C CYS A 19 -1.79 3.29 -1.14
N ARG A 20 -1.61 2.45 -2.16
CA ARG A 20 -2.73 1.78 -2.84
C ARG A 20 -3.34 0.70 -1.92
N CYS A 21 -3.76 1.15 -0.77
CA CYS A 21 -4.49 0.38 0.21
C CYS A 21 -5.73 1.17 0.61
N THR A 22 -5.82 2.39 0.08
CA THR A 22 -6.95 3.25 0.34
C THR A 22 -7.78 3.35 -0.97
N SER A 23 -7.20 2.84 -2.04
CA SER A 23 -7.79 2.90 -3.36
C SER A 23 -8.06 1.48 -3.85
N ALA A 24 -8.03 0.52 -2.93
CA ALA A 24 -8.21 -0.88 -3.25
C ALA A 24 -9.67 -1.29 -3.15
N ARG A 25 -10.47 -0.47 -2.46
CA ARG A 25 -11.92 -0.70 -2.29
C ARG A 25 -12.20 -1.99 -1.51
N SER A 26 -11.22 -2.43 -0.77
CA SER A 26 -11.32 -3.64 -0.03
C SER A 26 -10.16 -3.66 0.97
N GLY A 27 -10.09 -4.69 1.77
CA GLY A 27 -9.03 -4.84 2.72
C GLY A 27 -9.45 -4.41 4.09
N GLY A 28 -9.28 -3.14 4.38
CA GLY A 28 -9.57 -2.63 5.69
C GLY A 28 -8.42 -2.92 6.62
N ALA A 29 -7.30 -2.25 6.35
CA ALA A 29 -6.03 -2.41 7.06
C ALA A 29 -5.41 -3.75 6.72
N ALA A 30 -4.70 -3.76 5.63
CA ALA A 30 -4.04 -4.94 5.16
C ALA A 30 -2.64 -4.61 4.68
N GLY A 31 -1.66 -5.21 5.30
CA GLY A 31 -0.29 -5.06 4.89
C GLY A 31 0.32 -3.74 5.27
CD CD B . 0.78 0.78 0.83
CD CD C . -0.33 -1.76 0.42
N ALA A 1 0.34 0.36 5.16
CA ALA A 1 1.21 1.34 4.54
C ALA A 1 2.53 0.71 4.09
N GLY A 2 3.10 -0.13 4.94
CA GLY A 2 4.36 -0.81 4.63
C GLY A 2 4.17 -1.83 3.53
N CYS A 3 4.49 -1.42 2.33
CA CYS A 3 4.22 -2.20 1.17
C CYS A 3 5.49 -2.65 0.47
N ASP A 4 5.36 -3.70 -0.29
CA ASP A 4 6.46 -4.26 -1.04
C ASP A 4 6.00 -4.40 -2.50
N ASP A 5 6.80 -5.01 -3.34
CA ASP A 5 6.52 -5.18 -4.77
C ASP A 5 5.42 -6.19 -4.95
N LYS A 6 5.23 -7.00 -3.89
CA LYS A 6 4.19 -8.04 -3.80
C LYS A 6 2.83 -7.45 -4.11
N CYS A 7 2.66 -6.23 -3.67
CA CYS A 7 1.46 -5.47 -3.87
C CYS A 7 1.28 -5.04 -5.30
N GLY A 8 2.34 -4.56 -5.88
CA GLY A 8 2.22 -3.81 -7.07
C GLY A 8 2.13 -2.34 -6.69
N CYS A 9 2.55 -2.05 -5.44
CA CYS A 9 2.64 -0.69 -4.96
C CYS A 9 4.03 -0.20 -5.21
N ALA A 10 4.24 1.05 -4.96
CA ALA A 10 5.55 1.65 -5.04
C ALA A 10 6.43 1.07 -3.92
N VAL A 11 7.73 0.98 -4.16
CA VAL A 11 8.68 0.46 -3.19
C VAL A 11 9.88 1.41 -3.13
N PRO A 12 10.02 2.23 -2.07
CA PRO A 12 9.09 2.28 -0.94
C PRO A 12 7.80 3.01 -1.33
N CYS A 13 6.76 2.78 -0.59
CA CYS A 13 5.50 3.36 -0.89
C CYS A 13 5.30 4.61 -0.01
N PRO A 14 4.68 5.70 -0.56
CA PRO A 14 4.47 6.96 0.19
C PRO A 14 3.51 6.78 1.38
N GLY A 15 2.67 5.77 1.32
CA GLY A 15 1.83 5.43 2.44
C GLY A 15 0.45 6.04 2.40
N GLY A 16 0.35 7.32 2.13
CA GLY A 16 -0.94 8.01 2.18
C GLY A 16 -1.73 7.93 0.89
N THR A 17 -1.96 9.07 0.28
CA THR A 17 -2.74 9.19 -0.95
C THR A 17 -2.09 8.40 -2.10
N GLY A 18 -0.77 8.30 -2.07
CA GLY A 18 -0.04 7.58 -3.09
C GLY A 18 0.00 6.07 -2.81
N CYS A 19 -0.83 5.61 -1.92
CA CYS A 19 -0.91 4.23 -1.68
C CYS A 19 -2.14 3.66 -2.34
N ARG A 20 -1.94 2.59 -3.07
CA ARG A 20 -3.00 1.84 -3.70
C ARG A 20 -3.66 0.84 -2.70
N CYS A 21 -3.59 1.16 -1.43
CA CYS A 21 -4.16 0.38 -0.33
C CYS A 21 -4.89 1.30 0.62
N THR A 22 -5.24 2.45 0.13
CA THR A 22 -5.88 3.46 0.95
C THR A 22 -7.39 3.52 0.66
N SER A 23 -7.75 3.29 -0.58
CA SER A 23 -9.13 3.36 -1.02
C SER A 23 -9.65 1.95 -1.28
N ALA A 24 -8.97 0.99 -0.72
CA ALA A 24 -9.32 -0.39 -0.85
C ALA A 24 -9.11 -1.06 0.49
N ARG A 25 -9.86 -2.10 0.76
CA ARG A 25 -9.72 -2.82 2.00
C ARG A 25 -9.34 -4.24 1.71
N SER A 26 -8.06 -4.51 1.76
CA SER A 26 -7.54 -5.81 1.45
C SER A 26 -7.52 -6.71 2.71
N GLY A 27 -7.96 -6.17 3.82
CA GLY A 27 -8.05 -6.93 5.02
C GLY A 27 -7.24 -6.33 6.14
N GLY A 28 -7.20 -7.00 7.26
CA GLY A 28 -6.44 -6.54 8.40
C GLY A 28 -4.96 -6.63 8.14
N ALA A 29 -4.57 -7.67 7.42
CA ALA A 29 -3.19 -7.85 7.04
C ALA A 29 -2.92 -7.11 5.74
N ALA A 30 -2.66 -5.82 5.89
CA ALA A 30 -2.37 -4.89 4.81
C ALA A 30 -2.06 -3.57 5.47
N GLY A 31 -1.61 -2.59 4.70
CA GLY A 31 -1.36 -1.31 5.29
C GLY A 31 -0.45 -0.42 4.47
CD CD B . 1.04 0.95 -0.66
CD CD C . 0.19 -1.80 -0.91
N ALA A 1 0.18 -0.45 5.64
CA ALA A 1 1.51 0.00 5.29
C ALA A 1 2.52 -1.15 5.24
N GLY A 2 2.04 -2.36 5.35
CA GLY A 2 2.91 -3.51 5.16
C GLY A 2 3.04 -3.80 3.69
N CYS A 3 3.78 -2.97 3.00
CA CYS A 3 3.82 -3.01 1.58
C CYS A 3 5.24 -3.30 1.05
N ASP A 4 5.30 -3.60 -0.23
CA ASP A 4 6.50 -3.91 -1.00
C ASP A 4 6.06 -3.91 -2.45
N ASP A 5 6.93 -4.29 -3.36
CA ASP A 5 6.59 -4.39 -4.80
C ASP A 5 5.67 -5.57 -4.97
N LYS A 6 5.81 -6.51 -4.05
CA LYS A 6 4.94 -7.66 -3.97
C LYS A 6 3.53 -7.26 -3.59
N CYS A 7 3.36 -6.04 -3.11
CA CYS A 7 2.05 -5.55 -2.74
C CYS A 7 1.38 -4.93 -3.96
N GLY A 8 2.21 -4.37 -4.83
CA GLY A 8 1.69 -3.68 -5.99
C GLY A 8 1.61 -2.19 -5.72
N CYS A 9 2.08 -1.81 -4.56
CA CYS A 9 2.11 -0.44 -4.15
C CYS A 9 3.41 0.20 -4.60
N ALA A 10 3.51 1.49 -4.39
CA ALA A 10 4.73 2.25 -4.70
C ALA A 10 5.85 1.77 -3.81
N VAL A 11 7.09 1.88 -4.23
CA VAL A 11 8.21 1.40 -3.43
C VAL A 11 9.33 2.45 -3.40
N PRO A 12 9.58 3.12 -2.26
CA PRO A 12 8.83 2.90 -1.00
C PRO A 12 7.43 3.49 -1.08
N CYS A 13 6.51 2.89 -0.38
CA CYS A 13 5.16 3.35 -0.40
C CYS A 13 5.01 4.55 0.56
N PRO A 14 4.44 5.67 0.09
CA PRO A 14 4.33 6.91 0.87
C PRO A 14 3.05 7.00 1.75
N GLY A 15 2.20 6.00 1.66
CA GLY A 15 0.99 5.97 2.48
C GLY A 15 -0.20 6.74 1.90
N GLY A 16 0.06 7.74 1.10
CA GLY A 16 -1.03 8.52 0.52
C GLY A 16 -1.43 8.01 -0.82
N THR A 17 -1.19 8.81 -1.85
CA THR A 17 -1.56 8.49 -3.23
C THR A 17 -0.91 7.18 -3.69
N GLY A 18 0.32 6.97 -3.25
CA GLY A 18 1.04 5.76 -3.64
C GLY A 18 0.59 4.53 -2.89
N CYS A 19 -0.35 4.69 -1.96
CA CYS A 19 -0.79 3.57 -1.26
C CYS A 19 -2.03 3.00 -1.88
N ARG A 20 -1.84 2.02 -2.70
CA ARG A 20 -2.91 1.27 -3.29
C ARG A 20 -3.45 0.26 -2.24
N CYS A 21 -3.85 0.81 -1.13
CA CYS A 21 -4.46 0.14 0.01
C CYS A 21 -5.47 1.07 0.61
N THR A 22 -5.15 2.36 0.57
CA THR A 22 -6.03 3.38 1.03
C THR A 22 -7.28 3.37 0.16
N SER A 23 -8.39 2.94 0.75
CA SER A 23 -9.69 2.83 0.09
C SER A 23 -9.72 1.66 -0.91
N ALA A 24 -8.77 0.74 -0.77
CA ALA A 24 -8.70 -0.42 -1.64
C ALA A 24 -9.73 -1.42 -1.20
N ARG A 25 -10.47 -1.94 -2.14
CA ARG A 25 -11.56 -2.84 -1.86
C ARG A 25 -11.05 -4.23 -1.47
N SER A 26 -10.39 -4.90 -2.38
CA SER A 26 -9.88 -6.22 -2.12
C SER A 26 -8.35 -6.20 -2.03
N GLY A 27 -7.86 -6.17 -0.82
CA GLY A 27 -6.43 -6.17 -0.64
C GLY A 27 -6.01 -6.91 0.61
N GLY A 28 -6.94 -7.60 1.24
CA GLY A 28 -6.66 -8.31 2.48
C GLY A 28 -6.31 -7.34 3.59
N ALA A 29 -5.08 -7.38 4.03
CA ALA A 29 -4.61 -6.45 5.03
C ALA A 29 -4.19 -5.18 4.32
N ALA A 30 -5.07 -4.21 4.32
CA ALA A 30 -4.83 -2.97 3.63
C ALA A 30 -4.19 -1.95 4.56
N GLY A 31 -2.88 -1.88 4.51
CA GLY A 31 -2.16 -0.94 5.33
C GLY A 31 -0.81 -0.58 4.75
CD CD B . 0.82 0.80 0.33
CD CD C . -0.04 -1.85 0.03
N ALA A 1 -0.30 0.81 6.27
CA ALA A 1 0.45 -0.34 6.64
C ALA A 1 1.60 -0.49 5.69
N GLY A 2 2.61 -1.18 6.13
CA GLY A 2 3.79 -1.43 5.34
C GLY A 2 3.48 -2.16 4.06
N CYS A 3 4.24 -1.88 3.05
CA CYS A 3 4.01 -2.42 1.76
C CYS A 3 5.34 -2.87 1.15
N ASP A 4 5.27 -3.62 0.08
CA ASP A 4 6.43 -4.14 -0.61
C ASP A 4 6.12 -4.19 -2.10
N ASP A 5 6.98 -4.84 -2.86
CA ASP A 5 6.89 -4.89 -4.33
C ASP A 5 5.77 -5.80 -4.79
N LYS A 6 5.47 -6.80 -4.01
CA LYS A 6 4.46 -7.78 -4.39
C LYS A 6 3.13 -7.36 -3.88
N CYS A 7 3.12 -6.27 -3.10
CA CYS A 7 1.90 -5.74 -2.56
C CYS A 7 1.06 -5.19 -3.69
N GLY A 8 1.74 -4.70 -4.71
CA GLY A 8 1.06 -4.10 -5.81
C GLY A 8 1.12 -2.61 -5.68
N CYS A 9 1.77 -2.17 -4.62
CA CYS A 9 1.96 -0.79 -4.34
C CYS A 9 3.31 -0.33 -4.87
N ALA A 10 3.52 0.98 -4.78
CA ALA A 10 4.77 1.57 -5.15
C ALA A 10 5.83 1.17 -4.14
N VAL A 11 7.08 1.23 -4.53
CA VAL A 11 8.18 0.86 -3.66
C VAL A 11 9.28 1.92 -3.76
N PRO A 12 9.52 2.72 -2.71
CA PRO A 12 8.77 2.62 -1.45
C PRO A 12 7.40 3.29 -1.58
N CYS A 13 6.43 2.75 -0.94
CA CYS A 13 5.12 3.28 -0.99
C CYS A 13 5.06 4.51 -0.09
N PRO A 14 4.54 5.65 -0.59
CA PRO A 14 4.48 6.91 0.17
C PRO A 14 3.64 6.77 1.44
N GLY A 15 2.53 6.07 1.32
CA GLY A 15 1.69 5.84 2.49
C GLY A 15 0.27 6.30 2.29
N GLY A 16 0.11 7.49 1.77
CA GLY A 16 -1.21 8.02 1.52
C GLY A 16 -1.48 8.04 0.05
N THR A 17 -1.04 9.09 -0.60
CA THR A 17 -1.12 9.18 -2.03
C THR A 17 -0.17 8.12 -2.59
N GLY A 18 -0.65 7.34 -3.51
CA GLY A 18 0.17 6.30 -4.06
C GLY A 18 -0.03 5.01 -3.32
N CYS A 19 -0.74 5.05 -2.20
CA CYS A 19 -1.00 3.85 -1.51
C CYS A 19 -2.20 3.17 -2.07
N ARG A 20 -1.97 2.33 -3.02
CA ARG A 20 -2.98 1.49 -3.55
C ARG A 20 -3.26 0.32 -2.61
N CYS A 21 -3.85 0.72 -1.54
CA CYS A 21 -4.45 -0.09 -0.48
C CYS A 21 -5.65 0.68 -0.02
N THR A 22 -5.39 1.94 0.31
CA THR A 22 -6.35 2.89 0.76
C THR A 22 -7.44 3.07 -0.31
N SER A 23 -8.57 2.39 -0.09
CA SER A 23 -9.73 2.46 -0.95
C SER A 23 -9.44 1.81 -2.33
N ALA A 24 -8.45 0.91 -2.37
CA ALA A 24 -8.11 0.23 -3.62
C ALA A 24 -9.26 -0.68 -4.00
N ARG A 25 -9.78 -1.35 -2.99
CA ARG A 25 -10.96 -2.16 -3.11
C ARG A 25 -11.77 -2.01 -1.84
N SER A 26 -11.05 -1.99 -0.74
CA SER A 26 -11.62 -1.78 0.54
C SER A 26 -10.68 -0.84 1.30
N GLY A 27 -10.92 -0.62 2.57
CA GLY A 27 -10.07 0.24 3.34
C GLY A 27 -9.27 -0.53 4.33
N GLY A 28 -9.85 -0.74 5.47
CA GLY A 28 -9.23 -1.52 6.50
C GLY A 28 -8.07 -0.80 7.16
N ALA A 29 -6.89 -1.38 7.05
CA ALA A 29 -5.69 -0.86 7.67
C ALA A 29 -5.26 0.47 7.06
N ALA A 30 -5.23 0.51 5.72
CA ALA A 30 -4.82 1.68 4.92
C ALA A 30 -3.32 2.01 5.10
N GLY A 31 -2.95 2.44 6.28
CA GLY A 31 -1.59 2.76 6.57
C GLY A 31 -0.86 1.58 7.13
CD CD B . 0.74 0.92 0.00
CD CD C . -0.03 -1.81 -0.04
N ALA A 1 8.25 -4.45 5.01
CA ALA A 1 8.92 -3.58 5.95
C ALA A 1 7.94 -2.46 6.28
N GLY A 2 7.18 -2.15 5.26
CA GLY A 2 6.03 -1.29 5.31
C GLY A 2 5.07 -1.86 4.30
N CYS A 3 5.20 -1.42 3.09
CA CYS A 3 4.52 -1.99 1.96
C CYS A 3 5.58 -2.28 0.92
N ASP A 4 5.44 -3.34 0.21
CA ASP A 4 6.44 -3.72 -0.76
C ASP A 4 5.78 -3.86 -2.13
N ASP A 5 6.56 -4.39 -3.07
CA ASP A 5 6.14 -4.62 -4.46
C ASP A 5 4.96 -5.55 -4.53
N LYS A 6 5.01 -6.59 -3.70
CA LYS A 6 3.98 -7.59 -3.72
C LYS A 6 2.75 -7.14 -2.94
N CYS A 7 2.82 -5.93 -2.40
CA CYS A 7 1.67 -5.36 -1.77
C CYS A 7 0.87 -4.60 -2.80
N GLY A 8 1.48 -4.35 -3.94
CA GLY A 8 0.80 -3.64 -4.97
C GLY A 8 0.75 -2.20 -4.63
N CYS A 9 1.76 -1.77 -3.93
CA CYS A 9 1.93 -0.42 -3.56
C CYS A 9 3.27 0.07 -4.05
N ALA A 10 3.54 1.33 -3.84
CA ALA A 10 4.83 1.91 -4.16
C ALA A 10 5.90 1.31 -3.26
N VAL A 11 7.15 1.35 -3.69
CA VAL A 11 8.23 0.70 -2.95
C VAL A 11 9.45 1.66 -2.89
N PRO A 12 9.70 2.35 -1.76
CA PRO A 12 8.87 2.24 -0.54
C PRO A 12 7.58 3.00 -0.71
N CYS A 13 6.64 2.73 0.12
CA CYS A 13 5.38 3.33 -0.01
C CYS A 13 5.32 4.60 0.85
N PRO A 14 4.87 5.74 0.25
CA PRO A 14 4.88 7.05 0.90
C PRO A 14 3.74 7.26 1.90
N GLY A 15 2.65 6.55 1.70
CA GLY A 15 1.52 6.67 2.60
C GLY A 15 0.30 7.31 1.98
N GLY A 16 0.50 8.25 1.08
CA GLY A 16 -0.63 8.94 0.46
C GLY A 16 -1.19 8.23 -0.74
N THR A 17 -1.14 8.88 -1.90
CA THR A 17 -1.69 8.33 -3.13
C THR A 17 -0.96 7.04 -3.53
N GLY A 18 0.32 6.98 -3.19
CA GLY A 18 1.10 5.79 -3.44
C GLY A 18 0.67 4.64 -2.56
N CYS A 19 -0.13 4.91 -1.53
CA CYS A 19 -0.58 3.87 -0.72
C CYS A 19 -1.85 3.30 -1.28
N ARG A 20 -1.72 2.56 -2.32
CA ARG A 20 -2.81 1.85 -2.89
C ARG A 20 -3.13 0.60 -2.07
N CYS A 21 -3.61 0.93 -0.91
CA CYS A 21 -4.17 0.01 0.07
C CYS A 21 -5.60 0.45 0.32
N THR A 22 -5.84 1.74 0.15
CA THR A 22 -7.14 2.32 0.35
C THR A 22 -7.90 2.44 -0.97
N SER A 23 -7.21 2.17 -2.04
CA SER A 23 -7.78 2.26 -3.36
C SER A 23 -7.58 0.94 -4.09
N ALA A 24 -7.29 -0.08 -3.31
CA ALA A 24 -7.02 -1.39 -3.82
C ALA A 24 -7.26 -2.38 -2.71
N ARG A 25 -7.57 -3.60 -3.06
CA ARG A 25 -7.79 -4.64 -2.07
C ARG A 25 -6.82 -5.80 -2.30
N SER A 26 -5.86 -5.58 -3.14
CA SER A 26 -4.88 -6.59 -3.47
C SER A 26 -3.57 -6.26 -2.77
N GLY A 27 -2.77 -7.27 -2.52
CA GLY A 27 -1.48 -7.05 -1.92
C GLY A 27 -1.26 -7.91 -0.72
N GLY A 28 -0.04 -8.39 -0.56
CA GLY A 28 0.31 -9.28 0.55
C GLY A 28 0.50 -8.56 1.89
N ALA A 29 -0.47 -7.74 2.24
CA ALA A 29 -0.52 -7.00 3.50
C ALA A 29 0.63 -6.02 3.71
N ALA A 30 1.75 -6.51 4.19
CA ALA A 30 2.84 -5.65 4.56
C ALA A 30 4.17 -6.32 4.35
N GLY A 31 5.22 -5.54 4.43
CA GLY A 31 6.57 -6.04 4.35
C GLY A 31 7.36 -5.34 5.42
CD CD B . 0.95 1.16 0.84
CD CD C . 0.05 -1.51 0.85
N ALA A 1 1.27 -0.57 7.21
CA ALA A 1 2.39 0.34 7.31
C ALA A 1 3.38 0.04 6.20
N GLY A 2 3.92 -1.16 6.21
CA GLY A 2 4.91 -1.55 5.25
C GLY A 2 4.30 -2.20 4.04
N CYS A 3 4.85 -1.91 2.90
CA CYS A 3 4.41 -2.43 1.65
C CYS A 3 5.62 -2.76 0.79
N ASP A 4 5.41 -3.49 -0.28
CA ASP A 4 6.47 -3.81 -1.24
C ASP A 4 5.85 -3.81 -2.62
N ASP A 5 6.58 -4.36 -3.58
CA ASP A 5 6.16 -4.43 -4.98
C ASP A 5 5.11 -5.53 -5.14
N LYS A 6 5.03 -6.40 -4.14
CA LYS A 6 4.08 -7.50 -4.11
C LYS A 6 2.65 -6.95 -4.03
N CYS A 7 2.54 -5.76 -3.52
CA CYS A 7 1.31 -5.02 -3.46
C CYS A 7 0.96 -4.45 -4.81
N GLY A 8 1.92 -3.79 -5.39
CA GLY A 8 1.66 -2.95 -6.52
C GLY A 8 1.73 -1.52 -6.04
N CYS A 9 2.07 -1.36 -4.75
CA CYS A 9 2.27 -0.06 -4.19
C CYS A 9 3.63 0.44 -4.59
N ALA A 10 3.85 1.69 -4.31
CA ALA A 10 5.13 2.30 -4.53
C ALA A 10 6.12 1.68 -3.56
N VAL A 11 7.37 1.71 -3.92
CA VAL A 11 8.43 1.18 -3.08
C VAL A 11 9.60 2.17 -3.13
N PRO A 12 9.89 2.88 -2.03
CA PRO A 12 9.16 2.77 -0.76
C PRO A 12 7.80 3.44 -0.84
N CYS A 13 6.81 2.85 -0.23
CA CYS A 13 5.48 3.37 -0.28
C CYS A 13 5.37 4.56 0.68
N PRO A 14 4.92 5.72 0.17
CA PRO A 14 4.90 6.96 0.95
C PRO A 14 3.78 6.99 2.00
N GLY A 15 2.81 6.12 1.85
CA GLY A 15 1.75 6.02 2.81
C GLY A 15 0.50 6.77 2.42
N GLY A 16 0.64 7.91 1.79
CA GLY A 16 -0.51 8.69 1.39
C GLY A 16 -1.06 8.30 0.04
N THR A 17 -0.88 9.19 -0.92
CA THR A 17 -1.38 9.04 -2.28
C THR A 17 -0.85 7.75 -2.93
N GLY A 18 0.41 7.45 -2.67
CA GLY A 18 1.05 6.29 -3.25
C GLY A 18 0.67 5.01 -2.55
N CYS A 19 -0.18 5.08 -1.55
CA CYS A 19 -0.56 3.90 -0.92
C CYS A 19 -1.77 3.30 -1.58
N ARG A 20 -1.51 2.37 -2.45
CA ARG A 20 -2.55 1.58 -3.05
C ARG A 20 -3.00 0.50 -2.05
N CYS A 21 -3.53 0.98 -0.96
CA CYS A 21 -4.18 0.24 0.10
C CYS A 21 -5.21 1.15 0.73
N THR A 22 -5.66 2.10 -0.07
CA THR A 22 -6.59 3.10 0.36
C THR A 22 -8.02 2.62 0.02
N SER A 23 -8.09 1.54 -0.74
CA SER A 23 -9.33 0.92 -1.13
C SER A 23 -9.18 -0.59 -0.83
N ALA A 24 -8.28 -0.92 0.07
CA ALA A 24 -7.98 -2.30 0.39
C ALA A 24 -7.82 -2.44 1.88
N ARG A 25 -8.06 -3.63 2.38
CA ARG A 25 -7.96 -3.92 3.78
C ARG A 25 -6.51 -4.18 4.16
N SER A 26 -5.76 -3.10 4.17
CA SER A 26 -4.37 -3.07 4.59
C SER A 26 -4.07 -1.64 4.97
N GLY A 27 -5.10 -0.94 5.36
CA GLY A 27 -5.00 0.42 5.72
C GLY A 27 -6.14 0.79 6.62
N GLY A 28 -5.88 1.65 7.56
CA GLY A 28 -6.92 2.06 8.46
C GLY A 28 -6.92 1.24 9.73
N ALA A 29 -7.15 -0.05 9.59
CA ALA A 29 -7.20 -0.94 10.76
C ALA A 29 -5.84 -1.55 11.04
N ALA A 30 -4.94 -1.39 10.08
CA ALA A 30 -3.57 -1.87 10.16
C ALA A 30 -2.87 -1.36 8.93
N GLY A 31 -1.64 -1.75 8.73
CA GLY A 31 -0.95 -1.38 7.53
C GLY A 31 0.11 -0.33 7.76
CD CD B . 1.06 1.00 0.38
CD CD C . 0.28 -1.67 0.02
N ALA A 1 3.27 -1.92 8.83
CA ALA A 1 3.48 -0.72 8.06
C ALA A 1 4.80 -0.82 7.32
N GLY A 2 4.73 -1.29 6.12
CA GLY A 2 5.89 -1.46 5.32
C GLY A 2 5.56 -2.27 4.09
N CYS A 3 4.92 -1.61 3.16
CA CYS A 3 4.54 -2.22 1.92
C CYS A 3 5.76 -2.41 1.02
N ASP A 4 5.71 -3.39 0.17
CA ASP A 4 6.83 -3.72 -0.72
C ASP A 4 6.31 -4.01 -2.12
N ASP A 5 7.21 -4.52 -2.98
CA ASP A 5 6.92 -4.80 -4.41
C ASP A 5 5.83 -5.83 -4.59
N LYS A 6 5.70 -6.72 -3.63
CA LYS A 6 4.69 -7.73 -3.72
C LYS A 6 3.34 -7.22 -3.31
N CYS A 7 3.28 -6.01 -2.78
CA CYS A 7 2.01 -5.48 -2.37
C CYS A 7 1.24 -4.87 -3.53
N GLY A 8 1.96 -4.42 -4.53
CA GLY A 8 1.31 -3.72 -5.61
C GLY A 8 1.24 -2.24 -5.29
N CYS A 9 1.93 -1.89 -4.24
CA CYS A 9 2.07 -0.54 -3.80
C CYS A 9 3.43 -0.05 -4.25
N ALA A 10 3.67 1.22 -4.05
CA ALA A 10 4.95 1.81 -4.37
C ALA A 10 6.02 1.25 -3.43
N VAL A 11 7.25 1.33 -3.85
CA VAL A 11 8.37 0.82 -3.09
C VAL A 11 9.48 1.88 -3.04
N PRO A 12 9.66 2.58 -1.91
CA PRO A 12 8.87 2.41 -0.70
C PRO A 12 7.51 3.08 -0.88
N CYS A 13 6.56 2.69 -0.10
CA CYS A 13 5.26 3.23 -0.25
C CYS A 13 5.18 4.55 0.55
N PRO A 14 4.72 5.65 -0.08
CA PRO A 14 4.75 7.00 0.53
C PRO A 14 3.49 7.37 1.32
N GLY A 15 2.46 6.56 1.20
CA GLY A 15 1.21 6.86 1.83
C GLY A 15 0.31 7.59 0.88
N GLY A 16 -0.85 8.00 1.35
CA GLY A 16 -1.80 8.75 0.54
C GLY A 16 -2.20 8.03 -0.74
N THR A 17 -1.98 8.69 -1.87
CA THR A 17 -2.34 8.15 -3.17
C THR A 17 -1.40 7.01 -3.56
N GLY A 18 -0.23 6.99 -2.95
CA GLY A 18 0.72 5.95 -3.21
C GLY A 18 0.40 4.71 -2.43
N CYS A 19 -0.47 4.83 -1.43
CA CYS A 19 -0.79 3.68 -0.70
C CYS A 19 -1.97 2.99 -1.30
N ARG A 20 -1.69 2.09 -2.19
CA ARG A 20 -2.67 1.23 -2.77
C ARG A 20 -3.04 0.14 -1.76
N CYS A 21 -3.73 0.62 -0.77
CA CYS A 21 -4.37 -0.13 0.29
C CYS A 21 -5.50 0.72 0.86
N THR A 22 -5.87 1.76 0.15
CA THR A 22 -6.77 2.74 0.72
C THR A 22 -8.08 2.87 -0.05
N SER A 23 -8.01 2.86 -1.37
CA SER A 23 -9.17 3.11 -2.19
C SER A 23 -9.93 1.81 -2.49
N ALA A 24 -9.26 0.71 -2.32
CA ALA A 24 -9.83 -0.57 -2.57
C ALA A 24 -9.77 -1.39 -1.32
N ARG A 25 -10.55 -2.44 -1.28
CA ARG A 25 -10.54 -3.35 -0.16
C ARG A 25 -9.39 -4.30 -0.25
N SER A 26 -8.30 -3.88 0.32
CA SER A 26 -7.08 -4.63 0.33
C SER A 26 -6.96 -5.41 1.64
N GLY A 27 -8.09 -5.55 2.33
CA GLY A 27 -8.13 -6.29 3.57
C GLY A 27 -7.56 -5.51 4.70
N GLY A 28 -6.30 -5.68 4.93
CA GLY A 28 -5.61 -5.01 5.96
C GLY A 28 -4.15 -5.25 5.83
N ALA A 29 -3.39 -4.21 5.73
CA ALA A 29 -1.97 -4.32 5.60
C ALA A 29 -1.35 -4.57 6.95
N ALA A 30 -1.01 -5.81 7.19
CA ALA A 30 -0.41 -6.20 8.45
C ALA A 30 1.04 -5.78 8.46
N GLY A 31 1.33 -4.73 9.18
CA GLY A 31 2.67 -4.23 9.21
C GLY A 31 2.82 -3.03 8.29
CD CD B . 0.88 0.84 0.67
CD CD C . 0.11 -1.80 0.46
N ALA A 1 2.40 0.06 7.44
CA ALA A 1 3.34 0.88 6.69
C ALA A 1 4.40 0.02 5.98
N GLY A 2 4.17 -1.27 6.00
CA GLY A 2 5.07 -2.18 5.37
C GLY A 2 4.54 -2.63 4.03
N CYS A 3 4.72 -1.82 3.05
CA CYS A 3 4.30 -2.16 1.72
C CYS A 3 5.53 -2.45 0.86
N ASP A 4 5.38 -3.34 -0.08
CA ASP A 4 6.48 -3.76 -0.94
C ASP A 4 5.90 -3.92 -2.34
N ASP A 5 6.65 -4.52 -3.26
CA ASP A 5 6.23 -4.70 -4.66
C ASP A 5 5.11 -5.74 -4.75
N LYS A 6 5.01 -6.50 -3.70
CA LYS A 6 4.00 -7.54 -3.55
C LYS A 6 2.68 -6.93 -3.09
N CYS A 7 2.64 -5.62 -2.94
CA CYS A 7 1.47 -4.99 -2.37
C CYS A 7 0.63 -4.27 -3.40
N GLY A 8 1.22 -3.92 -4.51
CA GLY A 8 0.49 -3.16 -5.50
C GLY A 8 0.53 -1.69 -5.15
N CYS A 9 1.45 -1.36 -4.27
CA CYS A 9 1.66 -0.02 -3.84
C CYS A 9 2.92 0.51 -4.44
N ALA A 10 3.24 1.74 -4.12
CA ALA A 10 4.49 2.32 -4.53
C ALA A 10 5.60 1.66 -3.73
N VAL A 11 6.79 1.64 -4.27
CA VAL A 11 7.92 1.00 -3.59
C VAL A 11 9.14 1.92 -3.67
N PRO A 12 9.55 2.57 -2.55
CA PRO A 12 8.88 2.43 -1.25
C PRO A 12 7.56 3.19 -1.23
N CYS A 13 6.69 2.82 -0.36
CA CYS A 13 5.40 3.43 -0.34
C CYS A 13 5.46 4.66 0.59
N PRO A 14 4.93 5.81 0.14
CA PRO A 14 5.00 7.07 0.89
C PRO A 14 3.88 7.21 1.94
N GLY A 15 3.08 6.17 2.08
CA GLY A 15 2.03 6.16 3.08
C GLY A 15 0.71 6.74 2.64
N GLY A 16 0.72 7.83 1.90
CA GLY A 16 -0.52 8.42 1.47
C GLY A 16 -0.70 8.41 -0.03
N THR A 17 0.00 9.31 -0.70
CA THR A 17 -0.09 9.56 -2.14
C THR A 17 -0.05 8.27 -3.00
N GLY A 18 0.81 7.36 -2.62
CA GLY A 18 0.97 6.14 -3.36
C GLY A 18 0.58 4.94 -2.54
N CYS A 19 -0.31 5.13 -1.60
CA CYS A 19 -0.71 4.04 -0.83
C CYS A 19 -1.92 3.41 -1.42
N ARG A 20 -1.70 2.55 -2.37
CA ARG A 20 -2.73 1.79 -2.99
C ARG A 20 -3.12 0.64 -2.07
N CYS A 21 -3.67 1.06 -0.96
CA CYS A 21 -4.30 0.24 0.07
C CYS A 21 -5.60 0.95 0.42
N THR A 22 -5.97 1.86 -0.46
CA THR A 22 -7.07 2.74 -0.24
C THR A 22 -8.42 2.04 -0.54
N SER A 23 -8.33 0.93 -1.25
CA SER A 23 -9.49 0.11 -1.51
C SER A 23 -9.40 -1.16 -0.65
N ALA A 24 -8.18 -1.49 -0.24
CA ALA A 24 -7.91 -2.65 0.57
C ALA A 24 -8.23 -2.36 2.02
N ARG A 25 -9.38 -2.79 2.45
CA ARG A 25 -9.76 -2.59 3.82
C ARG A 25 -9.24 -3.76 4.62
N SER A 26 -8.11 -3.56 5.23
CA SER A 26 -7.52 -4.57 6.03
C SER A 26 -7.26 -3.98 7.41
N GLY A 27 -8.09 -4.37 8.36
CA GLY A 27 -7.97 -3.88 9.70
C GLY A 27 -7.10 -4.76 10.56
N GLY A 28 -6.58 -5.79 9.96
CA GLY A 28 -5.72 -6.69 10.66
C GLY A 28 -4.31 -6.60 10.17
N ALA A 29 -3.99 -7.40 9.19
CA ALA A 29 -2.67 -7.44 8.64
C ALA A 29 -2.55 -6.41 7.52
N ALA A 30 -2.03 -5.24 7.87
CA ALA A 30 -1.77 -4.13 6.97
C ALA A 30 -1.11 -3.03 7.76
N GLY A 31 -0.22 -2.31 7.15
CA GLY A 31 0.45 -1.25 7.84
C GLY A 31 1.33 -0.46 6.91
CD CD B . 0.91 1.30 0.68
CD CD C . 0.02 -1.37 0.58
N ALA A 1 0.75 -0.54 7.21
CA ALA A 1 0.63 -0.12 5.82
C ALA A 1 1.86 -0.49 5.02
N GLY A 2 2.72 -1.31 5.59
CA GLY A 2 3.94 -1.73 4.93
C GLY A 2 3.68 -2.50 3.65
N CYS A 3 4.22 -2.02 2.55
CA CYS A 3 4.04 -2.62 1.28
C CYS A 3 5.34 -2.52 0.49
N ASP A 4 5.49 -3.40 -0.46
CA ASP A 4 6.63 -3.42 -1.39
C ASP A 4 6.07 -3.78 -2.75
N ASP A 5 6.95 -4.25 -3.64
CA ASP A 5 6.57 -4.63 -5.02
C ASP A 5 5.75 -5.90 -5.03
N LYS A 6 5.69 -6.56 -3.89
CA LYS A 6 4.89 -7.76 -3.74
C LYS A 6 3.42 -7.37 -3.66
N CYS A 7 3.15 -6.17 -3.19
CA CYS A 7 1.80 -5.75 -2.98
C CYS A 7 1.15 -5.21 -4.26
N GLY A 8 1.91 -4.52 -5.07
CA GLY A 8 1.30 -3.84 -6.18
C GLY A 8 1.04 -2.38 -5.82
N CYS A 9 1.85 -1.91 -4.92
CA CYS A 9 1.84 -0.56 -4.47
C CYS A 9 3.15 0.06 -4.88
N ALA A 10 3.34 1.30 -4.52
CA ALA A 10 4.57 2.00 -4.81
C ALA A 10 5.71 1.38 -4.00
N VAL A 11 6.92 1.53 -4.49
CA VAL A 11 8.09 0.97 -3.84
C VAL A 11 9.15 2.06 -3.73
N PRO A 12 9.41 2.60 -2.53
CA PRO A 12 8.74 2.21 -1.30
C PRO A 12 7.39 2.87 -1.22
N CYS A 13 6.49 2.31 -0.49
CA CYS A 13 5.19 2.85 -0.43
C CYS A 13 5.15 4.00 0.61
N PRO A 14 4.73 5.23 0.18
CA PRO A 14 4.76 6.46 1.01
C PRO A 14 3.53 6.67 1.91
N GLY A 15 2.63 5.71 1.93
CA GLY A 15 1.50 5.77 2.88
C GLY A 15 0.26 6.51 2.40
N GLY A 16 0.43 7.55 1.61
CA GLY A 16 -0.74 8.32 1.20
C GLY A 16 -1.17 8.02 -0.23
N THR A 17 -0.80 8.92 -1.14
CA THR A 17 -1.15 8.84 -2.56
C THR A 17 -0.57 7.57 -3.17
N GLY A 18 0.62 7.21 -2.73
CA GLY A 18 1.26 6.03 -3.25
C GLY A 18 0.74 4.76 -2.61
N CYS A 19 -0.19 4.89 -1.68
CA CYS A 19 -0.69 3.72 -1.08
C CYS A 19 -1.96 3.31 -1.73
N ARG A 20 -1.85 2.40 -2.64
CA ARG A 20 -2.99 1.77 -3.26
C ARG A 20 -3.59 0.73 -2.30
N CYS A 21 -3.95 1.23 -1.14
CA CYS A 21 -4.63 0.54 -0.06
C CYS A 21 -5.38 1.59 0.74
N THR A 22 -5.90 2.55 0.04
CA THR A 22 -6.68 3.57 0.68
C THR A 22 -8.12 3.04 0.90
N SER A 23 -8.44 1.98 0.16
CA SER A 23 -9.69 1.28 0.31
C SER A 23 -9.39 -0.14 0.81
N ALA A 24 -8.33 -0.73 0.26
CA ALA A 24 -7.90 -2.08 0.61
C ALA A 24 -7.21 -2.04 1.97
N ARG A 25 -7.48 -3.01 2.81
CA ARG A 25 -6.94 -2.98 4.15
C ARG A 25 -5.76 -3.91 4.32
N SER A 26 -5.41 -4.60 3.27
CA SER A 26 -4.25 -5.45 3.28
C SER A 26 -3.02 -4.58 3.07
N GLY A 27 -2.51 -4.02 4.16
CA GLY A 27 -1.40 -3.12 4.08
C GLY A 27 -1.88 -1.69 3.86
N GLY A 28 -2.92 -1.34 4.61
CA GLY A 28 -3.52 -0.01 4.54
C GLY A 28 -4.64 0.14 5.56
N ALA A 29 -4.38 -0.32 6.77
CA ALA A 29 -5.31 -0.21 7.87
C ALA A 29 -4.54 0.18 9.11
N ALA A 30 -3.60 -0.65 9.47
CA ALA A 30 -2.71 -0.38 10.57
C ALA A 30 -1.29 -0.52 10.08
N GLY A 31 -0.94 -1.72 9.67
CA GLY A 31 0.36 -1.95 9.09
C GLY A 31 0.30 -1.69 7.62
CD CD B . 0.65 0.63 0.10
CD CD C . -0.44 -1.88 -0.50
N ALA A 1 0.50 2.00 5.58
CA ALA A 1 1.17 2.83 4.60
C ALA A 1 2.23 2.03 3.84
N GLY A 2 3.29 1.67 4.57
CA GLY A 2 4.45 0.98 4.04
C GLY A 2 4.12 -0.38 3.51
N CYS A 3 4.62 -0.68 2.33
CA CYS A 3 4.35 -1.89 1.61
C CYS A 3 5.55 -2.22 0.74
N ASP A 4 5.51 -3.32 0.01
CA ASP A 4 6.63 -3.70 -0.82
C ASP A 4 6.09 -4.11 -2.21
N ASP A 5 6.97 -4.67 -3.06
CA ASP A 5 6.67 -4.97 -4.48
C ASP A 5 5.47 -5.86 -4.69
N LYS A 6 5.39 -6.92 -3.91
CA LYS A 6 4.37 -7.93 -4.12
C LYS A 6 3.00 -7.47 -3.70
N CYS A 7 2.94 -6.29 -3.11
CA CYS A 7 1.70 -5.74 -2.70
C CYS A 7 1.01 -5.10 -3.89
N GLY A 8 1.80 -4.63 -4.84
CA GLY A 8 1.24 -3.94 -5.97
C GLY A 8 1.20 -2.48 -5.69
N CYS A 9 1.89 -2.10 -4.64
CA CYS A 9 2.03 -0.75 -4.25
C CYS A 9 3.42 -0.28 -4.64
N ALA A 10 3.71 0.96 -4.31
CA ALA A 10 5.00 1.54 -4.57
C ALA A 10 5.97 1.05 -3.50
N VAL A 11 7.26 1.15 -3.76
CA VAL A 11 8.27 0.68 -2.84
C VAL A 11 9.41 1.71 -2.75
N PRO A 12 9.53 2.45 -1.63
CA PRO A 12 8.64 2.34 -0.47
C PRO A 12 7.28 2.95 -0.76
N CYS A 13 6.29 2.54 -0.05
CA CYS A 13 4.98 2.99 -0.29
C CYS A 13 4.75 4.30 0.48
N PRO A 14 4.26 5.36 -0.21
CA PRO A 14 4.14 6.71 0.37
C PRO A 14 3.16 6.78 1.53
N GLY A 15 2.10 6.02 1.44
CA GLY A 15 1.12 6.02 2.49
C GLY A 15 -0.22 6.54 2.05
N GLY A 16 -0.22 7.66 1.37
CA GLY A 16 -1.45 8.21 0.86
C GLY A 16 -1.59 7.91 -0.60
N THR A 17 -1.19 8.85 -1.41
CA THR A 17 -1.18 8.66 -2.84
C THR A 17 -0.10 7.65 -3.14
N GLY A 18 -0.45 6.59 -3.78
CA GLY A 18 0.49 5.55 -4.03
C GLY A 18 0.12 4.35 -3.21
N CYS A 19 -0.62 4.56 -2.16
CA CYS A 19 -1.05 3.46 -1.39
C CYS A 19 -2.45 3.06 -1.81
N ARG A 20 -2.51 2.15 -2.75
CA ARG A 20 -3.81 1.58 -3.24
C ARG A 20 -4.67 1.03 -2.09
N CYS A 21 -4.00 0.66 -1.00
CA CYS A 21 -4.65 0.11 0.18
C CYS A 21 -5.56 1.13 0.85
N THR A 22 -5.28 2.41 0.69
CA THR A 22 -6.00 3.42 1.43
C THR A 22 -7.45 3.61 0.90
N SER A 23 -7.75 2.97 -0.20
CA SER A 23 -9.06 3.06 -0.78
C SER A 23 -9.80 1.72 -0.67
N ALA A 24 -9.26 0.80 0.12
CA ALA A 24 -9.88 -0.51 0.26
C ALA A 24 -9.75 -1.02 1.68
N ARG A 25 -8.54 -1.10 2.15
CA ARG A 25 -8.21 -1.56 3.47
C ARG A 25 -6.80 -1.12 3.77
N SER A 26 -6.66 -0.15 4.65
CA SER A 26 -5.35 0.39 4.99
C SER A 26 -4.44 -0.74 5.54
N GLY A 27 -4.94 -1.46 6.54
CA GLY A 27 -4.19 -2.54 7.12
C GLY A 27 -4.52 -2.70 8.58
N GLY A 28 -4.57 -1.59 9.27
CA GLY A 28 -4.89 -1.58 10.67
C GLY A 28 -4.12 -0.51 11.37
N ALA A 29 -3.21 -0.90 12.24
CA ALA A 29 -2.35 0.04 12.95
C ALA A 29 -1.42 0.70 11.96
N ALA A 30 -0.87 -0.10 11.10
CA ALA A 30 -0.03 0.36 10.04
C ALA A 30 -0.76 0.13 8.74
N GLY A 31 -0.67 1.04 7.83
CA GLY A 31 -1.35 0.86 6.58
C GLY A 31 -0.76 1.68 5.46
CD CD B . 0.65 0.59 0.13
CD CD C . -0.21 -2.02 -0.05
N ALA A 1 -0.09 0.45 5.48
CA ALA A 1 1.31 0.79 5.45
C ALA A 1 2.13 -0.47 5.60
N GLY A 2 3.36 -0.42 5.18
CA GLY A 2 4.23 -1.59 5.23
C GLY A 2 4.00 -2.44 4.02
N CYS A 3 4.39 -1.93 2.89
CA CYS A 3 4.11 -2.56 1.65
C CYS A 3 5.39 -2.99 0.92
N ASP A 4 5.24 -3.76 -0.13
CA ASP A 4 6.34 -4.23 -0.96
C ASP A 4 5.87 -4.16 -2.43
N ASP A 5 6.64 -4.70 -3.37
CA ASP A 5 6.33 -4.58 -4.82
C ASP A 5 5.25 -5.55 -5.15
N LYS A 6 5.22 -6.61 -4.38
CA LYS A 6 4.30 -7.71 -4.57
C LYS A 6 2.91 -7.31 -4.12
N CYS A 7 2.85 -6.17 -3.47
CA CYS A 7 1.61 -5.63 -3.00
C CYS A 7 0.89 -5.00 -4.17
N GLY A 8 1.67 -4.43 -5.09
CA GLY A 8 1.07 -3.69 -6.18
C GLY A 8 1.13 -2.22 -5.87
N CYS A 9 1.75 -1.94 -4.74
CA CYS A 9 2.01 -0.64 -4.28
C CYS A 9 3.44 -0.25 -4.65
N ALA A 10 3.78 0.99 -4.39
CA ALA A 10 5.11 1.51 -4.62
C ALA A 10 6.05 0.96 -3.58
N VAL A 11 7.35 1.08 -3.84
CA VAL A 11 8.37 0.58 -2.94
C VAL A 11 9.49 1.62 -2.85
N PRO A 12 9.63 2.31 -1.72
CA PRO A 12 8.77 2.14 -0.54
C PRO A 12 7.43 2.81 -0.77
N CYS A 13 6.40 2.30 -0.18
CA CYS A 13 5.10 2.83 -0.39
C CYS A 13 4.93 4.09 0.47
N PRO A 14 4.69 5.25 -0.17
CA PRO A 14 4.74 6.58 0.48
C PRO A 14 3.43 6.99 1.14
N GLY A 15 2.45 6.14 1.07
CA GLY A 15 1.16 6.45 1.62
C GLY A 15 0.34 7.22 0.61
N GLY A 16 -0.63 7.98 1.07
CA GLY A 16 -1.47 8.78 0.21
C GLY A 16 -2.16 7.99 -0.88
N THR A 17 -2.15 8.54 -2.09
CA THR A 17 -2.80 7.92 -3.23
C THR A 17 -1.88 6.82 -3.78
N GLY A 18 -0.59 6.96 -3.51
CA GLY A 18 0.40 5.99 -3.93
C GLY A 18 0.22 4.68 -3.21
N CYS A 19 -0.46 4.71 -2.10
CA CYS A 19 -0.75 3.51 -1.42
C CYS A 19 -2.00 2.91 -1.95
N ARG A 20 -1.86 1.93 -2.82
CA ARG A 20 -3.00 1.12 -3.25
C ARG A 20 -3.40 0.18 -2.11
N CYS A 21 -3.82 0.80 -1.06
CA CYS A 21 -4.32 0.18 0.13
C CYS A 21 -5.28 1.12 0.88
N THR A 22 -5.14 2.44 0.67
CA THR A 22 -5.93 3.41 1.39
C THR A 22 -7.41 3.36 0.99
N SER A 23 -7.66 3.39 -0.29
CA SER A 23 -9.00 3.29 -0.80
C SER A 23 -9.34 1.82 -1.03
N ALA A 24 -8.31 1.01 -1.24
CA ALA A 24 -8.46 -0.41 -1.50
C ALA A 24 -9.01 -1.12 -0.27
N ARG A 25 -8.51 -0.78 0.89
CA ARG A 25 -9.02 -1.33 2.13
C ARG A 25 -10.11 -0.43 2.64
N SER A 26 -11.32 -0.85 2.47
CA SER A 26 -12.43 -0.08 2.88
C SER A 26 -12.77 -0.40 4.33
N GLY A 27 -12.72 0.60 5.19
CA GLY A 27 -13.08 0.42 6.57
C GLY A 27 -12.05 0.98 7.51
N GLY A 28 -11.61 2.20 7.23
CA GLY A 28 -10.67 2.90 8.08
C GLY A 28 -9.31 2.25 8.13
N ALA A 29 -8.76 1.93 6.99
CA ALA A 29 -7.46 1.30 6.91
C ALA A 29 -6.60 2.01 5.88
N ALA A 30 -5.32 2.07 6.13
CA ALA A 30 -4.39 2.74 5.22
C ALA A 30 -3.51 1.73 4.49
N GLY A 31 -3.01 0.76 5.24
CA GLY A 31 -2.19 -0.29 4.66
C GLY A 31 -0.77 0.14 4.40
CD CD B . 0.72 0.59 0.05
CD CD C . -0.06 -2.03 -0.05
N ALA A 1 2.49 -0.82 8.38
CA ALA A 1 3.49 0.22 8.27
C ALA A 1 4.58 -0.20 7.32
N GLY A 2 4.56 0.38 6.15
CA GLY A 2 5.54 0.06 5.15
C GLY A 2 5.02 -0.97 4.19
N CYS A 3 5.19 -0.71 2.92
CA CYS A 3 4.75 -1.61 1.91
C CYS A 3 5.94 -2.06 1.05
N ASP A 4 5.75 -3.14 0.31
CA ASP A 4 6.78 -3.71 -0.57
C ASP A 4 6.15 -3.96 -1.94
N ASP A 5 6.90 -4.58 -2.85
CA ASP A 5 6.41 -4.79 -4.24
C ASP A 5 5.31 -5.80 -4.31
N LYS A 6 5.35 -6.80 -3.44
CA LYS A 6 4.36 -7.85 -3.48
C LYS A 6 3.05 -7.37 -2.90
N CYS A 7 3.07 -6.15 -2.43
CA CYS A 7 1.91 -5.53 -1.94
C CYS A 7 1.11 -5.02 -3.11
N GLY A 8 1.82 -4.70 -4.18
CA GLY A 8 1.17 -4.12 -5.31
C GLY A 8 1.30 -2.64 -5.22
N CYS A 9 2.09 -2.22 -4.26
CA CYS A 9 2.33 -0.86 -4.01
C CYS A 9 3.70 -0.47 -4.47
N ALA A 10 3.90 0.82 -4.54
CA ALA A 10 5.20 1.41 -4.82
C ALA A 10 6.14 1.09 -3.68
N VAL A 11 7.42 1.09 -3.97
CA VAL A 11 8.43 0.76 -2.99
C VAL A 11 9.56 1.78 -3.09
N PRO A 12 9.67 2.74 -2.15
CA PRO A 12 8.78 2.88 -1.00
C PRO A 12 7.42 3.47 -1.40
N CYS A 13 6.44 3.21 -0.60
CA CYS A 13 5.11 3.66 -0.84
C CYS A 13 4.86 4.91 0.02
N PRO A 14 4.14 5.92 -0.52
CA PRO A 14 3.86 7.17 0.21
C PRO A 14 3.03 6.94 1.48
N GLY A 15 2.04 6.08 1.39
CA GLY A 15 1.25 5.77 2.54
C GLY A 15 -0.22 6.02 2.36
N GLY A 16 -0.57 7.14 1.78
CA GLY A 16 -1.96 7.45 1.60
C GLY A 16 -2.35 7.67 0.16
N THR A 17 -1.87 8.78 -0.40
CA THR A 17 -2.19 9.23 -1.76
C THR A 17 -1.95 8.12 -2.80
N GLY A 18 -0.76 7.61 -2.83
CA GLY A 18 -0.43 6.58 -3.76
C GLY A 18 -0.28 5.28 -3.05
N CYS A 19 -1.25 4.95 -2.24
CA CYS A 19 -1.22 3.71 -1.56
C CYS A 19 -2.25 2.78 -2.06
N ARG A 20 -1.79 1.77 -2.74
CA ARG A 20 -2.63 0.70 -3.17
C ARG A 20 -2.89 -0.25 -1.99
N CYS A 21 -3.63 0.31 -1.09
CA CYS A 21 -4.21 -0.32 0.08
C CYS A 21 -5.38 0.56 0.52
N THR A 22 -5.21 1.86 0.38
CA THR A 22 -6.25 2.81 0.64
C THR A 22 -6.98 3.12 -0.66
N SER A 23 -6.23 3.21 -1.75
CA SER A 23 -6.76 3.47 -3.06
C SER A 23 -6.86 2.18 -3.90
N ALA A 24 -6.82 1.05 -3.22
CA ALA A 24 -6.93 -0.26 -3.84
C ALA A 24 -7.41 -1.24 -2.80
N ARG A 25 -8.16 -2.24 -3.20
CA ARG A 25 -8.69 -3.18 -2.22
C ARG A 25 -7.80 -4.40 -2.01
N SER A 26 -6.73 -4.18 -1.31
CA SER A 26 -5.82 -5.23 -0.94
C SER A 26 -6.18 -5.68 0.49
N GLY A 27 -6.19 -6.97 0.73
CA GLY A 27 -6.57 -7.46 2.03
C GLY A 27 -5.42 -7.45 3.00
N GLY A 28 -4.72 -8.56 3.07
CA GLY A 28 -3.59 -8.69 3.95
C GLY A 28 -2.35 -8.13 3.31
N ALA A 29 -2.33 -6.83 3.16
CA ALA A 29 -1.22 -6.14 2.55
C ALA A 29 -1.07 -4.76 3.18
N ALA A 30 -1.70 -4.58 4.31
CA ALA A 30 -1.69 -3.33 4.98
C ALA A 30 -0.72 -3.38 6.16
N GLY A 31 -0.31 -2.23 6.62
CA GLY A 31 0.63 -2.16 7.69
C GLY A 31 1.59 -1.03 7.45
CD CD B . 0.89 1.04 0.15
CD CD C . 0.35 -1.61 0.34
N ALA A 1 0.58 -5.38 6.54
CA ALA A 1 1.08 -4.17 7.15
C ALA A 1 2.56 -4.07 6.86
N GLY A 2 2.90 -3.15 6.02
CA GLY A 2 4.25 -3.03 5.56
C GLY A 2 4.27 -3.43 4.11
N CYS A 3 4.14 -2.46 3.27
CA CYS A 3 4.02 -2.69 1.86
C CYS A 3 5.36 -2.97 1.18
N ASP A 4 5.27 -3.69 0.10
CA ASP A 4 6.38 -4.03 -0.75
C ASP A 4 5.86 -3.91 -2.19
N ASP A 5 6.64 -4.32 -3.16
CA ASP A 5 6.27 -4.26 -4.56
C ASP A 5 5.43 -5.46 -4.87
N LYS A 6 5.62 -6.50 -4.06
CA LYS A 6 4.81 -7.71 -4.12
C LYS A 6 3.43 -7.41 -3.52
N CYS A 7 3.29 -6.23 -2.94
CA CYS A 7 2.04 -5.78 -2.41
C CYS A 7 1.26 -5.13 -3.54
N GLY A 8 2.00 -4.66 -4.54
CA GLY A 8 1.35 -4.00 -5.66
C GLY A 8 1.33 -2.53 -5.44
N CYS A 9 2.00 -2.13 -4.39
CA CYS A 9 2.14 -0.78 -4.04
C CYS A 9 3.49 -0.27 -4.50
N ALA A 10 3.75 0.98 -4.21
CA ALA A 10 4.99 1.59 -4.54
C ALA A 10 6.00 1.25 -3.46
N VAL A 11 7.27 1.35 -3.79
CA VAL A 11 8.33 1.06 -2.85
C VAL A 11 9.41 2.13 -2.98
N PRO A 12 9.57 3.02 -1.99
CA PRO A 12 8.76 3.03 -0.76
C PRO A 12 7.33 3.52 -1.03
N CYS A 13 6.39 3.04 -0.26
CA CYS A 13 5.02 3.40 -0.44
C CYS A 13 4.77 4.70 0.35
N PRO A 14 4.14 5.72 -0.27
CA PRO A 14 3.98 7.04 0.34
C PRO A 14 2.81 7.17 1.34
N GLY A 15 1.85 6.27 1.25
CA GLY A 15 0.72 6.31 2.15
C GLY A 15 -0.55 6.86 1.50
N GLY A 16 -0.43 7.92 0.76
CA GLY A 16 -1.57 8.48 0.09
C GLY A 16 -1.74 7.88 -1.28
N THR A 17 -1.64 8.70 -2.29
CA THR A 17 -1.75 8.26 -3.64
C THR A 17 -0.50 7.44 -3.97
N GLY A 18 -0.68 6.18 -4.18
CA GLY A 18 0.40 5.29 -4.36
C GLY A 18 0.20 4.12 -3.46
N CYS A 19 -0.60 4.33 -2.43
CA CYS A 19 -0.92 3.26 -1.55
C CYS A 19 -2.18 2.59 -1.99
N ARG A 20 -2.04 1.55 -2.75
CA ARG A 20 -3.17 0.75 -3.14
C ARG A 20 -3.57 -0.16 -1.96
N CYS A 21 -3.99 0.50 -0.91
CA CYS A 21 -4.53 -0.07 0.33
C CYS A 21 -5.40 0.97 1.05
N THR A 22 -5.14 2.25 0.79
CA THR A 22 -5.91 3.29 1.44
C THR A 22 -7.18 3.58 0.66
N SER A 23 -7.03 3.93 -0.58
CA SER A 23 -8.18 4.17 -1.44
C SER A 23 -8.38 2.99 -2.39
N ALA A 24 -7.88 1.85 -1.99
CA ALA A 24 -8.00 0.65 -2.77
C ALA A 24 -8.36 -0.48 -1.84
N ARG A 25 -8.96 -1.51 -2.38
CA ARG A 25 -9.42 -2.63 -1.59
C ARG A 25 -8.32 -3.67 -1.44
N SER A 26 -7.99 -3.96 -0.21
CA SER A 26 -7.03 -4.95 0.11
C SER A 26 -7.59 -5.76 1.26
N GLY A 27 -7.62 -7.05 1.11
CA GLY A 27 -8.12 -7.90 2.14
C GLY A 27 -7.82 -9.33 1.80
N GLY A 28 -7.50 -10.10 2.81
CA GLY A 28 -7.17 -11.48 2.60
C GLY A 28 -6.01 -11.87 3.47
N ALA A 29 -5.03 -11.03 3.52
CA ALA A 29 -3.86 -11.23 4.34
C ALA A 29 -3.52 -9.91 5.00
N ALA A 30 -2.87 -9.96 6.13
CA ALA A 30 -2.46 -8.75 6.79
C ALA A 30 -1.16 -8.28 6.21
N GLY A 31 -1.24 -7.29 5.37
CA GLY A 31 -0.07 -6.79 4.71
C GLY A 31 0.36 -5.46 5.24
CD CD B . 0.75 0.65 0.25
CD CD C . 0.01 -2.06 0.22
N ALA A 1 -0.06 -3.82 5.03
CA ALA A 1 0.94 -2.87 5.41
C ALA A 1 2.28 -3.57 5.27
N GLY A 2 3.35 -2.82 5.38
CA GLY A 2 4.66 -3.38 5.11
C GLY A 2 4.76 -3.62 3.64
N CYS A 3 4.26 -2.64 2.93
CA CYS A 3 4.10 -2.64 1.52
C CYS A 3 5.42 -2.81 0.77
N ASP A 4 5.39 -3.71 -0.17
CA ASP A 4 6.53 -4.00 -1.02
C ASP A 4 6.00 -4.03 -2.45
N ASP A 5 6.82 -4.47 -3.39
CA ASP A 5 6.46 -4.48 -4.82
C ASP A 5 5.31 -5.42 -5.09
N LYS A 6 5.23 -6.49 -4.33
CA LYS A 6 4.21 -7.48 -4.51
C LYS A 6 2.92 -7.07 -3.84
N CYS A 7 2.95 -5.91 -3.21
CA CYS A 7 1.79 -5.37 -2.57
C CYS A 7 1.02 -4.56 -3.60
N GLY A 8 1.69 -4.24 -4.71
CA GLY A 8 1.06 -3.48 -5.77
C GLY A 8 1.27 -2.02 -5.54
N CYS A 9 1.87 -1.74 -4.43
CA CYS A 9 2.15 -0.44 -4.00
C CYS A 9 3.50 0.00 -4.50
N ALA A 10 3.78 1.26 -4.30
CA ALA A 10 5.06 1.83 -4.61
C ALA A 10 6.07 1.31 -3.59
N VAL A 11 7.33 1.35 -3.93
CA VAL A 11 8.38 0.82 -3.08
C VAL A 11 9.56 1.81 -3.03
N PRO A 12 9.77 2.52 -1.90
CA PRO A 12 8.95 2.40 -0.70
C PRO A 12 7.60 3.12 -0.90
N CYS A 13 6.60 2.66 -0.22
CA CYS A 13 5.30 3.20 -0.39
C CYS A 13 5.20 4.55 0.36
N PRO A 14 4.67 5.60 -0.31
CA PRO A 14 4.63 6.96 0.24
C PRO A 14 3.48 7.20 1.23
N GLY A 15 2.58 6.27 1.30
CA GLY A 15 1.48 6.37 2.25
C GLY A 15 0.25 7.07 1.72
N GLY A 16 0.45 8.05 0.84
CA GLY A 16 -0.66 8.80 0.29
C GLY A 16 -1.39 8.08 -0.82
N THR A 17 -1.55 8.75 -1.95
CA THR A 17 -2.25 8.23 -3.12
C THR A 17 -1.57 6.95 -3.62
N GLY A 18 -0.25 6.87 -3.40
CA GLY A 18 0.53 5.73 -3.78
C GLY A 18 0.28 4.54 -2.88
N CYS A 19 -0.53 4.69 -1.85
CA CYS A 19 -0.85 3.58 -1.06
C CYS A 19 -2.04 2.89 -1.62
N ARG A 20 -1.79 1.93 -2.42
CA ARG A 20 -2.79 1.09 -2.97
C ARG A 20 -3.21 0.06 -1.91
N CYS A 21 -3.77 0.61 -0.87
CA CYS A 21 -4.39 -0.10 0.25
C CYS A 21 -5.43 0.83 0.87
N THR A 22 -5.89 1.79 0.11
CA THR A 22 -6.82 2.77 0.58
C THR A 22 -7.68 3.19 -0.61
N SER A 23 -8.73 3.95 -0.38
CA SER A 23 -9.63 4.30 -1.42
C SER A 23 -9.11 5.46 -2.27
N ALA A 24 -8.05 5.18 -2.96
CA ALA A 24 -7.48 6.07 -3.92
C ALA A 24 -7.71 5.43 -5.28
N ARG A 25 -7.26 4.19 -5.38
CA ARG A 25 -7.57 3.32 -6.49
C ARG A 25 -7.80 1.93 -5.95
N SER A 26 -6.71 1.29 -5.56
CA SER A 26 -6.77 -0.05 -5.05
C SER A 26 -7.22 -0.04 -3.60
N GLY A 27 -8.48 -0.33 -3.40
CA GLY A 27 -9.04 -0.38 -2.07
C GLY A 27 -8.79 -1.72 -1.44
N GLY A 28 -8.36 -2.66 -2.25
CA GLY A 28 -8.02 -3.97 -1.76
C GLY A 28 -6.74 -3.91 -0.99
N ALA A 29 -6.84 -3.93 0.31
CA ALA A 29 -5.70 -3.83 1.17
C ALA A 29 -4.99 -5.16 1.28
N ALA A 30 -3.91 -5.31 0.54
CA ALA A 30 -3.08 -6.48 0.61
C ALA A 30 -2.35 -6.47 1.94
N GLY A 31 -2.04 -5.27 2.41
CA GLY A 31 -1.41 -5.17 3.68
C GLY A 31 -0.45 -4.04 3.79
CD CD B . 0.87 0.87 0.46
CD CD C . 0.12 -1.81 0.24
N ALA A 1 5.64 1.80 5.82
CA ALA A 1 4.76 2.02 4.73
C ALA A 1 3.76 0.88 4.67
N GLY A 2 4.15 -0.26 5.29
CA GLY A 2 3.34 -1.46 5.37
C GLY A 2 3.14 -2.10 4.03
N CYS A 3 4.13 -1.98 3.16
CA CYS A 3 3.99 -2.41 1.82
C CYS A 3 5.29 -3.01 1.26
N ASP A 4 5.15 -3.76 0.20
CA ASP A 4 6.24 -4.43 -0.49
C ASP A 4 5.93 -4.30 -1.98
N ASP A 5 6.77 -4.88 -2.80
CA ASP A 5 6.60 -4.90 -4.25
C ASP A 5 5.45 -5.82 -4.56
N LYS A 6 5.35 -6.88 -3.77
CA LYS A 6 4.28 -7.84 -3.92
C LYS A 6 2.97 -7.28 -3.41
N CYS A 7 3.03 -6.11 -2.81
CA CYS A 7 1.85 -5.45 -2.34
C CYS A 7 1.24 -4.71 -3.51
N GLY A 8 2.04 -4.50 -4.56
CA GLY A 8 1.54 -3.85 -5.76
C GLY A 8 1.62 -2.38 -5.59
N CYS A 9 2.30 -2.00 -4.55
CA CYS A 9 2.51 -0.65 -4.22
C CYS A 9 3.93 -0.26 -4.58
N ALA A 10 4.20 1.00 -4.46
CA ALA A 10 5.53 1.55 -4.66
C ALA A 10 6.40 1.11 -3.49
N VAL A 11 7.71 1.15 -3.67
CA VAL A 11 8.65 0.74 -2.65
C VAL A 11 9.86 1.70 -2.67
N PRO A 12 10.07 2.53 -1.62
CA PRO A 12 9.19 2.58 -0.46
C PRO A 12 7.88 3.29 -0.79
N CYS A 13 6.81 2.79 -0.27
CA CYS A 13 5.54 3.35 -0.58
C CYS A 13 5.33 4.67 0.22
N PRO A 14 4.93 5.75 -0.47
CA PRO A 14 4.80 7.08 0.15
C PRO A 14 3.68 7.14 1.21
N GLY A 15 2.64 6.34 1.03
CA GLY A 15 1.64 6.21 2.06
C GLY A 15 0.33 6.96 1.81
N GLY A 16 0.38 8.06 1.09
CA GLY A 16 -0.82 8.84 0.88
C GLY A 16 -1.55 8.44 -0.38
N THR A 17 -1.63 9.37 -1.32
CA THR A 17 -2.31 9.12 -2.59
C THR A 17 -1.49 8.16 -3.45
N GLY A 18 -0.24 7.98 -3.09
CA GLY A 18 0.62 7.05 -3.76
C GLY A 18 0.61 5.71 -3.06
N CYS A 19 -0.44 5.46 -2.31
CA CYS A 19 -0.62 4.21 -1.69
C CYS A 19 -1.82 3.50 -2.22
N ARG A 20 -1.59 2.41 -2.86
CA ARG A 20 -2.63 1.53 -3.30
C ARG A 20 -3.06 0.66 -2.11
N CYS A 21 -3.54 1.34 -1.08
CA CYS A 21 -4.14 0.71 0.12
C CYS A 21 -5.11 1.67 0.80
N THR A 22 -5.52 2.71 0.08
CA THR A 22 -6.39 3.74 0.63
C THR A 22 -7.82 3.17 0.86
N SER A 23 -8.09 2.00 0.29
CA SER A 23 -9.36 1.35 0.46
C SER A 23 -9.12 -0.18 0.56
N ALA A 24 -7.89 -0.55 0.91
CA ALA A 24 -7.54 -1.96 1.00
C ALA A 24 -7.00 -2.28 2.39
N ARG A 25 -5.79 -1.82 2.66
CA ARG A 25 -5.17 -2.05 3.94
C ARG A 25 -4.86 -0.71 4.57
N SER A 26 -5.83 -0.14 5.20
CA SER A 26 -5.71 1.13 5.84
C SER A 26 -5.52 0.93 7.35
N GLY A 27 -5.50 2.00 8.10
CA GLY A 27 -5.38 1.89 9.53
C GLY A 27 -3.96 2.10 9.97
N GLY A 28 -3.31 1.03 10.33
CA GLY A 28 -1.94 1.09 10.76
C GLY A 28 -1.03 0.38 9.80
N ALA A 29 0.00 1.05 9.37
CA ALA A 29 0.93 0.49 8.44
C ALA A 29 2.32 0.59 9.03
N ALA A 30 2.99 -0.54 9.16
CA ALA A 30 4.34 -0.57 9.72
C ALA A 30 5.31 0.04 8.73
N GLY A 31 5.65 1.29 8.98
CA GLY A 31 6.43 2.05 8.05
C GLY A 31 5.54 2.48 6.92
CD CD B . 1.07 1.16 -0.08
CD CD C . 0.18 -1.53 0.07
N ALA A 1 0.00 -3.07 4.78
CA ALA A 1 0.98 -2.22 5.42
C ALA A 1 2.29 -2.95 5.39
N GLY A 2 3.38 -2.22 5.36
CA GLY A 2 4.66 -2.84 5.15
C GLY A 2 4.75 -3.13 3.68
N CYS A 3 4.37 -2.11 2.93
CA CYS A 3 4.21 -2.19 1.51
C CYS A 3 5.49 -2.57 0.75
N ASP A 4 5.29 -3.35 -0.27
CA ASP A 4 6.33 -3.78 -1.19
C ASP A 4 5.63 -3.81 -2.55
N ASP A 5 6.25 -4.38 -3.56
CA ASP A 5 5.62 -4.52 -4.88
C ASP A 5 4.61 -5.58 -4.77
N LYS A 6 4.89 -6.51 -3.86
CA LYS A 6 3.99 -7.60 -3.52
C LYS A 6 2.70 -7.06 -2.88
N CYS A 7 2.71 -5.79 -2.51
CA CYS A 7 1.56 -5.16 -1.93
C CYS A 7 0.73 -4.50 -3.03
N GLY A 8 1.35 -4.26 -4.15
CA GLY A 8 0.67 -3.63 -5.24
C GLY A 8 0.70 -2.14 -5.05
N CYS A 9 1.68 -1.70 -4.31
CA CYS A 9 1.89 -0.31 -4.06
C CYS A 9 3.20 0.12 -4.69
N ALA A 10 3.48 1.42 -4.59
CA ALA A 10 4.74 1.99 -5.01
C ALA A 10 5.84 1.43 -4.13
N VAL A 11 7.04 1.40 -4.64
CA VAL A 11 8.17 0.88 -3.90
C VAL A 11 9.37 1.83 -4.06
N PRO A 12 9.75 2.56 -3.01
CA PRO A 12 9.08 2.52 -1.70
C PRO A 12 7.75 3.28 -1.75
N CYS A 13 6.83 2.90 -0.93
CA CYS A 13 5.55 3.53 -0.89
C CYS A 13 5.64 4.71 0.07
N PRO A 14 5.11 5.89 -0.31
CA PRO A 14 5.20 7.08 0.54
C PRO A 14 4.31 6.97 1.78
N GLY A 15 3.15 6.39 1.62
CA GLY A 15 2.23 6.25 2.71
C GLY A 15 1.16 7.31 2.63
N GLY A 16 -0.09 6.90 2.63
CA GLY A 16 -1.18 7.82 2.40
C GLY A 16 -1.26 8.18 0.94
N THR A 17 -0.36 9.02 0.53
CA THR A 17 -0.22 9.40 -0.83
C THR A 17 0.58 8.31 -1.52
N GLY A 18 0.13 7.88 -2.67
CA GLY A 18 0.80 6.80 -3.38
C GLY A 18 0.48 5.48 -2.73
N CYS A 19 -0.40 5.50 -1.79
CA CYS A 19 -0.70 4.34 -1.09
C CYS A 19 -1.92 3.69 -1.66
N ARG A 20 -1.73 2.96 -2.72
CA ARG A 20 -2.77 2.18 -3.30
C ARG A 20 -2.96 0.90 -2.50
N CYS A 21 -3.43 1.12 -1.32
CA CYS A 21 -3.89 0.07 -0.43
C CYS A 21 -5.40 0.17 -0.43
N THR A 22 -5.88 1.38 -0.21
CA THR A 22 -7.28 1.69 -0.26
C THR A 22 -7.76 1.59 -1.73
N SER A 23 -8.89 0.89 -1.93
CA SER A 23 -9.51 0.65 -3.25
C SER A 23 -8.71 -0.37 -4.06
N ALA A 24 -7.58 -0.78 -3.52
CA ALA A 24 -6.75 -1.75 -4.15
C ALA A 24 -6.96 -3.10 -3.52
N ARG A 25 -7.64 -3.10 -2.40
CA ARG A 25 -7.94 -4.30 -1.69
C ARG A 25 -9.35 -4.17 -1.17
N SER A 26 -10.18 -5.11 -1.51
CA SER A 26 -11.58 -5.05 -1.20
C SER A 26 -11.91 -5.66 0.16
N GLY A 27 -12.43 -4.86 1.03
CA GLY A 27 -12.81 -5.32 2.34
C GLY A 27 -11.68 -5.21 3.31
N GLY A 28 -10.93 -6.26 3.45
CA GLY A 28 -9.82 -6.25 4.35
C GLY A 28 -8.60 -5.70 3.68
N ALA A 29 -8.43 -4.41 3.74
CA ALA A 29 -7.29 -3.78 3.15
C ALA A 29 -6.10 -3.86 4.08
N ALA A 30 -5.45 -4.98 4.06
CA ALA A 30 -4.27 -5.20 4.84
C ALA A 30 -3.09 -5.21 3.91
N GLY A 31 -2.38 -4.13 3.89
CA GLY A 31 -1.24 -4.04 3.03
C GLY A 31 -0.27 -3.03 3.49
CD CD B . 1.07 1.51 0.38
CD CD C . 0.15 -1.13 0.48
#